data_2DBY
#
_entry.id   2DBY
#
_cell.length_a   60.384
_cell.length_b   133.169
_cell.length_c   46.432
_cell.angle_alpha   90.00
_cell.angle_beta   90.00
_cell.angle_gamma   90.00
#
_symmetry.space_group_name_H-M   'P 21 21 2'
#
loop_
_entity.id
_entity.type
_entity.pdbx_description
1 polymer 'GTP-binding protein'
2 non-polymer "GUANOSINE-5'-DIPHOSPHATE"
3 non-polymer 'FORMIC ACID'
4 water water
#
_entity_poly.entity_id   1
_entity_poly.type   'polypeptide(L)'
_entity_poly.pdbx_seq_one_letter_code
;(MSE)LAVGIVGLPNVGKSTLFNALTRANALAANYPFATIDKNVGVVPLEDERLYALQRTFAKGERVPPVVPTHVEFVDI
AGLVKGAHKGEGLGNQFLAHIREVAAIAHVLRCFPDPDVVHVMGRVDPLEDAEVVETELLLADLATLERRLERLRKEARA
DRERLPLLEAAEGLYVHLQEGKPARTFPPSEAVARFLKETPLLTAKPVIYVANVAEEDLPDGRGNPQVEAVRRKALEEGA
EVVVVSARLEAELAELSGEEARELLAAYGLQESGLQRLARAGYRALDLLTFFTAGEKEVRAWTVRRGTKAPRAAGEIHSD
(MSE)ERGFIRAEVIPWDKLVEAGGWARAKERGWVRLEGKDYEVQDGDVIYVLFNA
;
_entity_poly.pdbx_strand_id   A
#
# COMPACT_ATOMS: atom_id res chain seq x y z
N LEU A 2 -2.38 8.40 -0.33
CA LEU A 2 -1.44 7.30 -0.10
C LEU A 2 -2.33 6.19 0.47
N ALA A 3 -3.12 5.57 -0.41
CA ALA A 3 -4.06 4.57 0.04
C ALA A 3 -4.30 3.52 -1.05
N VAL A 4 -4.90 2.41 -0.62
CA VAL A 4 -5.22 1.30 -1.52
C VAL A 4 -6.73 1.34 -1.74
N GLY A 5 -7.14 1.40 -3.01
CA GLY A 5 -8.57 1.43 -3.31
C GLY A 5 -9.06 0.00 -3.53
N ILE A 6 -10.07 -0.42 -2.76
CA ILE A 6 -10.62 -1.76 -2.89
C ILE A 6 -11.80 -1.74 -3.85
N VAL A 7 -11.72 -2.55 -4.90
CA VAL A 7 -12.79 -2.60 -5.88
C VAL A 7 -13.38 -3.99 -5.99
N GLY A 8 -14.61 -4.06 -6.49
CA GLY A 8 -15.20 -5.39 -6.64
C GLY A 8 -16.50 -5.29 -7.42
N LEU A 9 -16.78 -6.29 -8.25
CA LEU A 9 -18.04 -6.27 -8.97
C LEU A 9 -19.04 -6.83 -7.95
N PRO A 10 -20.33 -6.92 -8.30
CA PRO A 10 -21.30 -7.45 -7.34
C PRO A 10 -21.13 -8.84 -6.76
N ASN A 11 -21.47 -8.93 -5.48
CA ASN A 11 -21.43 -10.20 -4.75
C ASN A 11 -20.13 -11.00 -4.77
N VAL A 12 -19.03 -10.37 -4.37
CA VAL A 12 -17.75 -11.07 -4.31
C VAL A 12 -17.21 -11.08 -2.87
N GLY A 13 -17.99 -10.50 -1.95
CA GLY A 13 -17.60 -10.45 -0.56
C GLY A 13 -16.97 -9.14 -0.15
N LYS A 14 -17.04 -8.13 -1.01
CA LYS A 14 -16.43 -6.85 -0.66
C LYS A 14 -17.07 -6.15 0.56
N SER A 15 -18.40 -6.12 0.67
CA SER A 15 -18.98 -5.42 1.81
C SER A 15 -18.64 -6.17 3.09
N THR A 16 -18.52 -7.49 3.00
CA THR A 16 -18.17 -8.30 4.15
C THR A 16 -16.75 -7.94 4.57
N LEU A 17 -15.85 -7.84 3.59
CA LEU A 17 -14.47 -7.47 3.88
C LEU A 17 -14.49 -6.08 4.50
N PHE A 18 -15.36 -5.20 4.01
CA PHE A 18 -15.39 -3.89 4.66
C PHE A 18 -16.01 -3.88 6.05
N ASN A 19 -16.79 -4.88 6.42
CA ASN A 19 -17.30 -4.88 7.82
C ASN A 19 -16.04 -5.04 8.66
N ALA A 20 -15.15 -5.92 8.22
CA ALA A 20 -13.92 -6.15 8.95
C ALA A 20 -13.00 -4.93 9.00
N LEU A 21 -12.86 -4.27 7.86
CA LEU A 21 -12.02 -3.11 7.79
C LEU A 21 -12.56 -1.97 8.64
N THR A 22 -13.88 -1.77 8.64
CA THR A 22 -14.41 -0.67 9.45
C THR A 22 -14.22 -0.98 10.94
N ARG A 23 -14.34 -2.23 11.32
CA ARG A 23 -14.09 -2.56 12.73
C ARG A 23 -12.61 -2.30 13.07
N ALA A 24 -11.72 -2.76 12.21
CA ALA A 24 -10.30 -2.56 12.45
C ALA A 24 -9.92 -1.08 12.56
N ASN A 25 -10.60 -0.25 11.76
CA ASN A 25 -10.34 1.18 11.74
C ASN A 25 -10.67 1.82 13.10
N ALA A 26 -11.62 1.22 13.83
CA ALA A 26 -11.99 1.78 15.14
C ALA A 26 -10.91 1.53 16.20
N LEU A 27 -9.88 0.75 15.83
CA LEU A 27 -8.77 0.46 16.74
C LEU A 27 -7.57 1.38 16.56
N ALA A 28 -7.59 2.22 15.53
CA ALA A 28 -6.46 3.09 15.21
C ALA A 28 -6.03 4.13 16.25
N ALA A 29 -4.72 4.33 16.36
CA ALA A 29 -4.13 5.29 17.30
C ALA A 29 -4.12 6.71 16.76
N ASN A 30 -4.02 6.82 15.43
CA ASN A 30 -3.98 8.14 14.78
C ASN A 30 -4.70 8.01 13.46
N TYR A 31 -5.55 8.99 13.17
CA TYR A 31 -6.32 8.97 11.95
C TYR A 31 -5.93 10.00 10.93
N PRO A 32 -5.71 9.57 9.69
CA PRO A 32 -5.36 10.49 8.59
C PRO A 32 -6.66 11.28 8.40
N PHE A 33 -6.55 12.56 8.06
CA PHE A 33 -7.75 13.38 7.89
C PHE A 33 -8.71 12.80 6.86
N ALA A 34 -8.17 12.15 5.83
CA ALA A 34 -9.03 11.55 4.81
C ALA A 34 -10.06 10.58 5.36
N THR A 35 -9.84 10.03 6.55
CA THR A 35 -10.78 9.06 7.09
C THR A 35 -12.13 9.66 7.50
N ILE A 36 -12.29 10.97 7.38
CA ILE A 36 -13.61 11.52 7.70
C ILE A 36 -14.64 10.86 6.77
N ASP A 37 -14.19 10.52 5.55
CA ASP A 37 -15.07 9.89 4.56
C ASP A 37 -15.48 8.51 5.06
N LYS A 38 -16.76 8.19 4.96
CA LYS A 38 -17.24 6.90 5.43
C LYS A 38 -16.60 5.73 4.69
N ASN A 39 -16.07 5.99 3.49
CA ASN A 39 -15.46 4.92 2.70
C ASN A 39 -13.96 4.78 2.88
N VAL A 40 -13.40 5.55 3.81
CA VAL A 40 -11.95 5.56 4.03
C VAL A 40 -11.58 5.19 5.47
N GLY A 41 -10.69 4.21 5.64
CA GLY A 41 -10.31 3.83 6.99
C GLY A 41 -8.91 3.25 6.94
N VAL A 42 -8.34 2.92 8.08
CA VAL A 42 -7.00 2.36 8.09
C VAL A 42 -6.95 1.06 8.88
N VAL A 43 -5.92 0.27 8.62
CA VAL A 43 -5.72 -0.98 9.32
C VAL A 43 -4.40 -0.84 10.06
N PRO A 44 -4.41 -0.84 11.41
CA PRO A 44 -3.17 -0.70 12.19
C PRO A 44 -2.26 -1.89 11.79
N LEU A 45 -0.99 -1.60 11.52
CA LEU A 45 -0.01 -2.61 11.09
C LEU A 45 0.67 -3.17 12.33
N GLU A 46 0.53 -4.46 12.55
CA GLU A 46 1.15 -5.07 13.71
C GLU A 46 2.64 -5.17 13.41
N ASP A 47 3.46 -4.91 14.42
CA ASP A 47 4.90 -4.96 14.20
C ASP A 47 5.59 -5.33 15.52
N GLU A 48 6.10 -6.56 15.57
CA GLU A 48 6.77 -7.08 16.76
C GLU A 48 8.02 -6.28 17.13
N ARG A 49 8.61 -5.58 16.17
CA ARG A 49 9.80 -4.79 16.46
C ARG A 49 9.44 -3.69 17.47
N LEU A 50 8.18 -3.26 17.47
CA LEU A 50 7.78 -2.25 18.43
C LEU A 50 7.92 -2.80 19.85
N TYR A 51 7.52 -4.06 20.04
CA TYR A 51 7.60 -4.66 21.37
C TYR A 51 9.04 -4.97 21.76
N ALA A 52 9.87 -5.30 20.77
CA ALA A 52 11.28 -5.58 21.00
C ALA A 52 11.93 -4.28 21.51
N LEU A 53 11.62 -3.15 20.86
CA LEU A 53 12.16 -1.85 21.28
C LEU A 53 11.61 -1.47 22.64
N GLN A 54 10.34 -1.79 22.86
CA GLN A 54 9.69 -1.48 24.11
C GLN A 54 10.41 -2.17 25.27
N ARG A 55 10.82 -3.44 25.11
CA ARG A 55 11.51 -4.11 26.20
C ARG A 55 12.87 -3.46 26.43
N THR A 56 13.53 -3.06 25.34
CA THR A 56 14.83 -2.42 25.45
C THR A 56 14.78 -1.13 26.26
N PHE A 57 13.69 -0.37 26.15
CA PHE A 57 13.59 0.89 26.88
C PHE A 57 12.76 0.88 28.15
N ALA A 58 12.33 -0.31 28.56
CA ALA A 58 11.55 -0.45 29.77
C ALA A 58 12.53 -0.46 30.94
N LYS A 59 12.23 0.33 31.96
CA LYS A 59 13.08 0.40 33.14
C LYS A 59 12.24 0.37 34.41
N GLY A 60 12.74 -0.33 35.42
CA GLY A 60 12.01 -0.44 36.66
C GLY A 60 10.65 -1.06 36.40
N GLU A 61 9.60 -0.32 36.71
CA GLU A 61 8.24 -0.80 36.49
C GLU A 61 7.59 -0.02 35.35
N ARG A 62 8.37 0.88 34.75
CA ARG A 62 7.88 1.69 33.65
C ARG A 62 8.16 1.00 32.32
N VAL A 63 7.18 1.06 31.43
CA VAL A 63 7.30 0.47 30.10
C VAL A 63 6.70 1.50 29.14
N PRO A 64 7.46 1.90 28.11
CA PRO A 64 6.91 2.88 27.19
C PRO A 64 5.80 2.31 26.32
N PRO A 65 4.76 3.12 26.08
CA PRO A 65 3.65 2.66 25.24
C PRO A 65 4.18 2.54 23.80
N VAL A 66 3.54 1.69 23.01
CA VAL A 66 3.93 1.53 21.61
C VAL A 66 2.80 2.12 20.73
N VAL A 67 3.19 2.75 19.64
CA VAL A 67 2.23 3.36 18.70
C VAL A 67 2.54 2.79 17.32
N PRO A 68 1.64 1.95 16.79
CA PRO A 68 1.97 1.42 15.47
C PRO A 68 1.56 2.38 14.36
N THR A 69 2.01 2.07 13.15
CA THR A 69 1.59 2.83 11.99
C THR A 69 0.38 2.08 11.39
N HIS A 70 0.00 2.39 10.16
CA HIS A 70 -1.17 1.77 9.56
C HIS A 70 -1.14 1.92 8.04
N VAL A 71 -2.11 1.27 7.38
CA VAL A 71 -2.26 1.33 5.92
C VAL A 71 -3.71 1.74 5.66
N GLU A 72 -3.90 2.75 4.81
CA GLU A 72 -5.23 3.26 4.51
C GLU A 72 -5.87 2.56 3.29
N PHE A 73 -7.16 2.23 3.42
CA PHE A 73 -7.91 1.55 2.38
C PHE A 73 -9.16 2.34 2.08
N VAL A 74 -9.54 2.41 0.80
CA VAL A 74 -10.74 3.14 0.40
C VAL A 74 -11.72 2.19 -0.28
N ASP A 75 -12.99 2.25 0.10
CA ASP A 75 -13.98 1.41 -0.55
C ASP A 75 -14.33 2.21 -1.78
N ILE A 76 -13.86 1.74 -2.95
CA ILE A 76 -14.10 2.48 -4.19
C ILE A 76 -15.51 2.27 -4.60
N ALA A 77 -16.19 3.40 -4.70
CA ALA A 77 -17.58 3.44 -5.03
C ALA A 77 -17.86 3.78 -6.48
N GLY A 78 -18.82 3.07 -7.06
CA GLY A 78 -19.22 3.32 -8.43
C GLY A 78 -19.51 2.18 -9.36
N LEU A 79 -20.48 2.41 -10.24
CA LEU A 79 -20.83 1.41 -11.25
C LEU A 79 -19.56 1.39 -12.12
N VAL A 80 -19.12 0.20 -12.53
CA VAL A 80 -17.88 0.07 -13.32
C VAL A 80 -18.03 0.15 -14.85
N LYS A 81 -18.83 -0.75 -15.43
CA LYS A 81 -18.95 -0.79 -16.87
C LYS A 81 -19.94 0.17 -17.47
N GLY A 82 -19.41 1.17 -18.16
CA GLY A 82 -20.25 2.16 -18.79
C GLY A 82 -20.55 1.85 -20.25
N ALA A 83 -21.39 2.69 -20.86
CA ALA A 83 -21.77 2.52 -22.26
C ALA A 83 -20.80 3.27 -23.20
N HIS A 84 -20.06 4.21 -22.64
CA HIS A 84 -19.11 5.03 -23.42
C HIS A 84 -19.83 5.83 -24.51
N LYS A 85 -21.07 6.20 -24.23
CA LYS A 85 -21.82 7.00 -25.18
C LYS A 85 -22.04 8.42 -24.69
N GLY A 86 -21.16 8.86 -23.79
CA GLY A 86 -21.22 10.21 -23.26
C GLY A 86 -22.26 10.46 -22.19
N GLU A 87 -22.99 9.40 -21.83
CA GLU A 87 -24.05 9.49 -20.83
C GLU A 87 -23.46 9.57 -19.42
N GLY A 88 -22.22 9.10 -19.26
CA GLY A 88 -21.61 9.23 -17.95
C GLY A 88 -21.51 8.03 -17.04
N LEU A 89 -22.11 6.91 -17.40
CA LEU A 89 -22.01 5.70 -16.56
C LEU A 89 -20.54 5.34 -16.38
N GLY A 90 -20.16 5.03 -15.13
CA GLY A 90 -18.78 4.65 -14.85
C GLY A 90 -17.85 5.79 -14.54
N ASN A 91 -18.30 7.02 -14.73
CA ASN A 91 -17.39 8.15 -14.49
C ASN A 91 -16.95 8.33 -13.05
N GLN A 92 -17.87 8.09 -12.13
CA GLN A 92 -17.59 8.23 -10.69
C GLN A 92 -16.53 7.22 -10.27
N PHE A 93 -16.65 5.99 -10.74
CA PHE A 93 -15.68 4.96 -10.43
C PHE A 93 -14.29 5.39 -10.88
N LEU A 94 -14.16 5.87 -12.12
CA LEU A 94 -12.85 6.32 -12.59
C LEU A 94 -12.31 7.47 -11.75
N ALA A 95 -13.20 8.39 -11.37
CA ALA A 95 -12.76 9.54 -10.57
C ALA A 95 -12.22 9.07 -9.23
N HIS A 96 -12.87 8.08 -8.64
CA HIS A 96 -12.44 7.54 -7.35
C HIS A 96 -11.13 6.80 -7.49
N ILE A 97 -10.98 6.00 -8.55
CA ILE A 97 -9.73 5.26 -8.80
C ILE A 97 -8.54 6.21 -8.96
N ARG A 98 -8.79 7.34 -9.60
CA ARG A 98 -7.72 8.31 -9.79
C ARG A 98 -7.13 8.79 -8.48
N GLU A 99 -7.94 8.80 -7.42
CA GLU A 99 -7.48 9.30 -6.12
C GLU A 99 -6.71 8.31 -5.23
N VAL A 100 -6.53 7.06 -5.65
CA VAL A 100 -5.76 6.13 -4.80
C VAL A 100 -4.45 5.77 -5.51
N ALA A 101 -3.49 5.29 -4.73
CA ALA A 101 -2.16 4.94 -5.26
C ALA A 101 -1.99 3.51 -5.73
N ALA A 102 -2.88 2.64 -5.25
CA ALA A 102 -2.87 1.22 -5.62
C ALA A 102 -4.30 0.72 -5.59
N ILE A 103 -4.55 -0.41 -6.23
CA ILE A 103 -5.86 -0.99 -6.35
C ILE A 103 -5.85 -2.43 -5.83
N ALA A 104 -6.85 -2.80 -5.06
CA ALA A 104 -6.95 -4.18 -4.58
C ALA A 104 -8.32 -4.62 -5.10
N HIS A 105 -8.34 -5.63 -5.94
CA HIS A 105 -9.57 -6.10 -6.57
C HIS A 105 -9.99 -7.40 -5.94
N VAL A 106 -11.16 -7.40 -5.30
CA VAL A 106 -11.68 -8.60 -4.64
C VAL A 106 -12.32 -9.49 -5.70
N LEU A 107 -11.87 -10.73 -5.76
CA LEU A 107 -12.37 -11.69 -6.75
C LEU A 107 -12.91 -12.90 -5.99
N ARG A 108 -14.13 -13.31 -6.31
CA ARG A 108 -14.73 -14.43 -5.62
C ARG A 108 -14.17 -15.78 -6.11
N CYS A 109 -13.59 -16.54 -5.19
CA CYS A 109 -13.03 -17.85 -5.52
C CYS A 109 -13.66 -19.02 -4.75
N PHE A 110 -14.92 -18.88 -4.36
CA PHE A 110 -15.63 -19.97 -3.67
C PHE A 110 -17.10 -19.89 -4.08
N PRO A 111 -17.86 -21.00 -3.95
CA PRO A 111 -19.28 -20.98 -4.34
C PRO A 111 -20.10 -20.12 -3.37
N ASP A 123 -16.94 -16.36 -13.02
CA ASP A 123 -15.51 -16.55 -13.25
C ASP A 123 -14.73 -15.33 -12.78
N PRO A 124 -13.86 -15.50 -11.78
CA PRO A 124 -13.06 -14.38 -11.27
C PRO A 124 -12.22 -13.67 -12.34
N LEU A 125 -11.63 -14.42 -13.27
CA LEU A 125 -10.84 -13.76 -14.29
C LEU A 125 -11.71 -12.79 -15.11
N GLU A 126 -13.02 -13.09 -15.23
CA GLU A 126 -13.93 -12.23 -16.00
C GLU A 126 -14.11 -10.90 -15.28
N ASP A 127 -14.25 -10.94 -13.96
CA ASP A 127 -14.39 -9.72 -13.18
C ASP A 127 -13.14 -8.85 -13.34
N ALA A 128 -11.96 -9.46 -13.24
CA ALA A 128 -10.71 -8.72 -13.36
C ALA A 128 -10.66 -8.01 -14.72
N GLU A 129 -11.03 -8.73 -15.78
CA GLU A 129 -11.01 -8.14 -17.12
C GLU A 129 -12.02 -7.01 -17.29
N VAL A 130 -13.17 -7.11 -16.63
CA VAL A 130 -14.18 -6.06 -16.72
C VAL A 130 -13.63 -4.75 -16.17
N VAL A 131 -13.06 -4.79 -14.98
CA VAL A 131 -12.50 -3.57 -14.42
C VAL A 131 -11.32 -3.08 -15.23
N GLU A 132 -10.42 -3.99 -15.59
CA GLU A 132 -9.22 -3.63 -16.32
C GLU A 132 -9.59 -3.01 -17.66
N THR A 133 -10.61 -3.55 -18.32
CA THR A 133 -11.03 -2.98 -19.60
C THR A 133 -11.46 -1.51 -19.47
N GLU A 134 -12.23 -1.18 -18.42
CA GLU A 134 -12.64 0.21 -18.22
C GLU A 134 -11.41 1.11 -17.93
N LEU A 135 -10.45 0.59 -17.16
CA LEU A 135 -9.26 1.43 -16.86
C LEU A 135 -8.42 1.65 -18.13
N LEU A 136 -8.35 0.63 -18.97
CA LEU A 136 -7.59 0.71 -20.21
C LEU A 136 -8.24 1.73 -21.14
N LEU A 137 -9.56 1.71 -21.25
CA LEU A 137 -10.25 2.65 -22.12
C LEU A 137 -9.98 4.08 -21.68
N ALA A 138 -9.99 4.32 -20.37
CA ALA A 138 -9.72 5.67 -19.90
C ALA A 138 -8.28 6.10 -20.20
N ASP A 139 -7.35 5.16 -20.01
CA ASP A 139 -5.93 5.42 -20.22
C ASP A 139 -5.61 5.66 -21.69
N LEU A 140 -6.31 4.95 -22.58
CA LEU A 140 -6.05 5.14 -24.02
C LEU A 140 -6.48 6.55 -24.40
N ALA A 141 -7.62 7.01 -23.87
CA ALA A 141 -8.08 8.36 -24.15
C ALA A 141 -7.07 9.38 -23.59
N THR A 142 -6.55 9.12 -22.40
CA THR A 142 -5.57 10.02 -21.81
C THR A 142 -4.33 10.07 -22.69
N LEU A 143 -3.88 8.91 -23.15
CA LEU A 143 -2.69 8.86 -23.99
C LEU A 143 -2.92 9.60 -25.30
N GLU A 144 -4.09 9.45 -25.90
CA GLU A 144 -4.37 10.12 -27.17
C GLU A 144 -4.26 11.62 -26.96
N ARG A 145 -4.82 12.11 -25.85
CA ARG A 145 -4.73 13.54 -25.58
C ARG A 145 -3.29 13.98 -25.33
N ARG A 146 -2.53 13.19 -24.56
CA ARG A 146 -1.15 13.58 -24.29
C ARG A 146 -0.25 13.49 -25.52
N LEU A 147 -0.47 12.50 -26.38
CA LEU A 147 0.36 12.36 -27.58
C LEU A 147 0.23 13.63 -28.44
N GLU A 148 -0.99 14.13 -28.55
CA GLU A 148 -1.21 15.34 -29.35
C GLU A 148 -0.53 16.54 -28.73
N ARG A 149 -0.72 16.73 -27.42
CA ARG A 149 -0.13 17.84 -26.70
C ARG A 149 1.40 17.77 -26.65
N LEU A 150 1.94 16.60 -26.30
CA LEU A 150 3.39 16.43 -26.22
C LEU A 150 4.11 16.61 -27.55
N ARG A 151 3.50 16.17 -28.64
CA ARG A 151 4.12 16.29 -29.95
C ARG A 151 4.27 17.78 -30.29
N LYS A 152 3.29 18.58 -29.87
CA LYS A 152 3.37 20.02 -30.13
C LYS A 152 4.42 20.67 -29.21
N GLU A 153 4.42 20.27 -27.94
CA GLU A 153 5.36 20.81 -26.96
C GLU A 153 6.82 20.44 -27.24
N ALA A 154 7.04 19.22 -27.73
CA ALA A 154 8.39 18.74 -28.00
C ALA A 154 9.04 19.51 -29.15
N ARG A 155 8.25 19.94 -30.12
CA ARG A 155 8.80 20.68 -31.26
C ARG A 155 9.38 22.00 -30.78
N ALA A 156 8.81 22.52 -29.70
CA ALA A 156 9.26 23.80 -29.14
C ALA A 156 10.19 23.66 -27.95
N ASP A 157 10.27 22.46 -27.37
CA ASP A 157 11.13 22.23 -26.22
C ASP A 157 11.57 20.78 -26.20
N ARG A 158 12.79 20.50 -26.63
CA ARG A 158 13.28 19.12 -26.68
C ARG A 158 13.21 18.35 -25.36
N GLU A 159 13.12 19.07 -24.23
CA GLU A 159 13.04 18.42 -22.93
C GLU A 159 11.76 17.60 -22.76
N ARG A 160 10.78 17.88 -23.61
CA ARG A 160 9.50 17.18 -23.55
C ARG A 160 9.55 15.92 -24.42
N LEU A 161 10.52 15.83 -25.31
CA LEU A 161 10.59 14.69 -26.22
C LEU A 161 10.61 13.31 -25.55
N PRO A 162 11.36 13.14 -24.45
CA PRO A 162 11.34 11.82 -23.83
C PRO A 162 9.94 11.38 -23.38
N LEU A 163 9.13 12.31 -22.89
CA LEU A 163 7.79 11.93 -22.47
C LEU A 163 6.97 11.51 -23.67
N LEU A 164 7.14 12.21 -24.79
CA LEU A 164 6.40 11.85 -26.01
C LEU A 164 6.77 10.43 -26.45
N GLU A 165 8.07 10.10 -26.43
CA GLU A 165 8.50 8.77 -26.88
C GLU A 165 8.02 7.66 -25.94
N ALA A 166 7.98 7.98 -24.64
CA ALA A 166 7.46 7.01 -23.66
C ALA A 166 5.97 6.79 -23.95
N ALA A 167 5.25 7.88 -24.18
CA ALA A 167 3.83 7.79 -24.47
C ALA A 167 3.57 6.94 -25.74
N GLU A 168 4.43 7.09 -26.76
CA GLU A 168 4.27 6.30 -28.01
C GLU A 168 4.34 4.81 -27.68
N GLY A 169 5.28 4.46 -26.80
CA GLY A 169 5.47 3.05 -26.44
C GLY A 169 4.30 2.53 -25.62
N LEU A 170 3.88 3.31 -24.65
CA LEU A 170 2.75 2.92 -23.80
C LEU A 170 1.50 2.77 -24.66
N TYR A 171 1.34 3.62 -25.66
CA TYR A 171 0.14 3.51 -26.48
C TYR A 171 0.09 2.17 -27.23
N VAL A 172 1.23 1.70 -27.73
CA VAL A 172 1.30 0.40 -28.40
C VAL A 172 0.88 -0.70 -27.42
N HIS A 173 1.44 -0.63 -26.22
CA HIS A 173 1.21 -1.60 -25.15
C HIS A 173 -0.27 -1.66 -24.74
N LEU A 174 -0.87 -0.51 -24.48
CA LEU A 174 -2.27 -0.48 -24.09
C LEU A 174 -3.24 -0.86 -25.22
N GLN A 175 -2.89 -0.53 -26.45
CA GLN A 175 -3.72 -0.91 -27.58
C GLN A 175 -3.73 -2.43 -27.72
N GLU A 176 -2.74 -3.11 -27.15
CA GLU A 176 -2.71 -4.59 -27.17
C GLU A 176 -3.47 -5.14 -25.95
N GLY A 177 -4.08 -4.25 -25.18
CA GLY A 177 -4.84 -4.67 -24.01
C GLY A 177 -4.00 -4.93 -22.77
N LYS A 178 -2.77 -4.41 -22.76
CA LYS A 178 -1.86 -4.61 -21.63
C LYS A 178 -1.76 -3.37 -20.73
N PRO A 179 -1.69 -3.56 -19.42
CA PRO A 179 -1.62 -2.41 -18.51
C PRO A 179 -0.29 -1.68 -18.48
N ALA A 180 -0.33 -0.38 -18.18
CA ALA A 180 0.90 0.40 -18.13
C ALA A 180 1.85 -0.18 -17.07
N ARG A 181 1.32 -0.81 -16.03
CA ARG A 181 2.18 -1.30 -14.97
C ARG A 181 3.15 -2.41 -15.41
N THR A 182 2.85 -3.11 -16.51
CA THR A 182 3.75 -4.16 -17.00
C THR A 182 4.69 -3.69 -18.10
N PHE A 183 4.61 -2.42 -18.45
CA PHE A 183 5.52 -1.89 -19.47
C PHE A 183 6.91 -1.85 -18.84
N PRO A 184 7.96 -2.27 -19.56
CA PRO A 184 9.30 -2.24 -18.97
C PRO A 184 9.71 -0.86 -18.50
N PRO A 185 10.38 -0.77 -17.35
CA PRO A 185 10.78 0.55 -16.88
C PRO A 185 11.90 1.19 -17.73
N SER A 186 11.95 2.50 -17.68
CA SER A 186 12.95 3.29 -18.39
C SER A 186 12.83 4.69 -17.83
N GLU A 187 13.85 5.50 -18.01
CA GLU A 187 13.82 6.86 -17.51
C GLU A 187 12.69 7.67 -18.15
N ALA A 188 12.52 7.51 -19.46
CA ALA A 188 11.47 8.26 -20.15
C ALA A 188 10.07 7.87 -19.65
N VAL A 189 9.83 6.57 -19.50
CA VAL A 189 8.52 6.12 -19.03
C VAL A 189 8.27 6.63 -17.60
N ALA A 190 9.31 6.62 -16.77
CA ALA A 190 9.14 7.10 -15.41
C ALA A 190 8.76 8.58 -15.39
N ARG A 191 9.38 9.39 -16.23
CA ARG A 191 9.06 10.82 -16.26
C ARG A 191 7.63 11.03 -16.76
N PHE A 192 7.24 10.26 -17.75
CA PHE A 192 5.89 10.41 -18.27
C PHE A 192 4.84 10.04 -17.21
N LEU A 193 5.04 8.91 -16.53
CA LEU A 193 4.02 8.47 -15.56
C LEU A 193 3.94 9.34 -14.31
N LYS A 194 5.02 10.05 -14.01
CA LYS A 194 5.01 10.95 -12.86
C LYS A 194 4.10 12.12 -13.23
N GLU A 195 4.21 12.59 -14.47
CA GLU A 195 3.38 13.70 -14.94
C GLU A 195 1.95 13.28 -15.25
N THR A 196 1.80 12.08 -15.81
CA THR A 196 0.49 11.54 -16.21
C THR A 196 0.31 10.15 -15.59
N PRO A 197 -0.22 10.10 -14.37
CA PRO A 197 -0.44 8.85 -13.62
C PRO A 197 -1.57 8.00 -14.18
N LEU A 198 -1.26 7.21 -15.20
CA LEU A 198 -2.24 6.35 -15.84
C LEU A 198 -2.88 5.40 -14.83
N LEU A 199 -4.18 5.13 -15.01
CA LEU A 199 -4.88 4.26 -14.09
C LEU A 199 -4.29 2.85 -14.05
N THR A 200 -3.90 2.33 -15.21
CA THR A 200 -3.33 0.99 -15.29
C THR A 200 -1.86 0.92 -14.90
N ALA A 201 -1.30 2.06 -14.50
CA ALA A 201 0.10 2.10 -14.03
C ALA A 201 0.10 1.88 -12.49
N LYS A 202 -1.06 2.04 -11.84
CA LYS A 202 -1.12 1.82 -10.39
C LYS A 202 -0.91 0.34 -10.06
N PRO A 203 -0.14 0.07 -9.00
CA PRO A 203 0.10 -1.34 -8.62
C PRO A 203 -1.25 -1.97 -8.30
N VAL A 204 -1.35 -3.27 -8.54
CA VAL A 204 -2.60 -3.98 -8.28
C VAL A 204 -2.38 -5.22 -7.43
N ILE A 205 -3.32 -5.45 -6.52
CA ILE A 205 -3.33 -6.67 -5.68
C ILE A 205 -4.64 -7.38 -6.02
N TYR A 206 -4.59 -8.66 -6.37
CA TYR A 206 -5.83 -9.39 -6.62
C TYR A 206 -6.08 -10.05 -5.26
N VAL A 207 -7.25 -9.80 -4.68
CA VAL A 207 -7.59 -10.37 -3.37
C VAL A 207 -8.52 -11.54 -3.64
N ALA A 208 -7.97 -12.74 -3.55
CA ALA A 208 -8.79 -13.95 -3.80
C ALA A 208 -9.58 -14.28 -2.55
N ASN A 209 -10.90 -14.06 -2.61
CA ASN A 209 -11.78 -14.34 -1.47
C ASN A 209 -12.15 -15.82 -1.55
N VAL A 210 -11.80 -16.56 -0.50
CA VAL A 210 -12.05 -17.98 -0.47
C VAL A 210 -12.79 -18.42 0.79
N ALA A 211 -13.23 -19.67 0.79
CA ALA A 211 -13.86 -20.23 1.98
C ALA A 211 -12.67 -20.45 2.95
N GLU A 212 -12.92 -20.36 4.26
CA GLU A 212 -11.82 -20.49 5.22
C GLU A 212 -10.94 -21.75 5.11
N GLU A 213 -11.52 -22.86 4.66
CA GLU A 213 -10.76 -24.12 4.51
C GLU A 213 -9.64 -24.00 3.48
N ASP A 214 -9.76 -23.04 2.57
CA ASP A 214 -8.74 -22.84 1.55
C ASP A 214 -7.57 -21.94 1.99
N LEU A 215 -7.59 -21.46 3.23
CA LEU A 215 -6.51 -20.62 3.72
C LEU A 215 -5.37 -21.54 4.12
N PRO A 216 -4.13 -21.04 4.09
CA PRO A 216 -3.73 -19.68 3.73
C PRO A 216 -3.45 -19.34 2.26
N ASP A 217 -3.20 -20.34 1.41
CA ASP A 217 -2.83 -20.04 0.02
C ASP A 217 -3.76 -20.52 -1.09
N GLY A 218 -4.91 -21.04 -0.75
CA GLY A 218 -5.83 -21.53 -1.75
C GLY A 218 -5.20 -22.66 -2.56
N ARG A 219 -4.37 -23.46 -1.89
CA ARG A 219 -3.71 -24.56 -2.58
C ARG A 219 -4.71 -25.54 -3.18
N GLY A 220 -4.56 -25.83 -4.47
CA GLY A 220 -5.45 -26.76 -5.11
C GLY A 220 -6.80 -26.21 -5.49
N ASN A 221 -7.04 -24.93 -5.21
CA ASN A 221 -8.31 -24.30 -5.56
C ASN A 221 -8.07 -23.77 -6.96
N PRO A 222 -8.72 -24.37 -7.98
CA PRO A 222 -8.54 -23.92 -9.36
C PRO A 222 -8.78 -22.45 -9.63
N GLN A 223 -9.75 -21.86 -8.93
CA GLN A 223 -10.04 -20.46 -9.15
C GLN A 223 -8.88 -19.58 -8.65
N VAL A 224 -8.31 -19.91 -7.49
CA VAL A 224 -7.17 -19.15 -6.96
C VAL A 224 -5.97 -19.37 -7.89
N GLU A 225 -5.79 -20.60 -8.36
CA GLU A 225 -4.69 -20.86 -9.29
C GLU A 225 -4.84 -20.03 -10.58
N ALA A 226 -6.06 -19.90 -11.08
CA ALA A 226 -6.29 -19.10 -12.31
C ALA A 226 -5.98 -17.65 -12.00
N VAL A 227 -6.37 -17.18 -10.82
CA VAL A 227 -6.08 -15.81 -10.42
C VAL A 227 -4.57 -15.56 -10.36
N ARG A 228 -3.78 -16.51 -9.85
CA ARG A 228 -2.32 -16.36 -9.80
C ARG A 228 -1.78 -16.26 -11.23
N ARG A 229 -2.32 -17.07 -12.14
CA ARG A 229 -1.88 -17.07 -13.55
C ARG A 229 -2.14 -15.71 -14.21
N LYS A 230 -3.34 -15.17 -14.01
CA LYS A 230 -3.71 -13.86 -14.55
C LYS A 230 -2.88 -12.77 -13.91
N ALA A 231 -2.61 -12.92 -12.61
CA ALA A 231 -1.80 -11.92 -11.90
C ALA A 231 -0.44 -11.80 -12.55
N LEU A 232 0.13 -12.92 -12.97
CA LEU A 232 1.46 -12.86 -13.58
C LEU A 232 1.43 -12.08 -14.88
N GLU A 233 0.34 -12.22 -15.64
CA GLU A 233 0.18 -11.50 -16.91
C GLU A 233 -0.08 -10.03 -16.70
N GLU A 234 -0.78 -9.70 -15.62
CA GLU A 234 -1.13 -8.31 -15.34
C GLU A 234 -0.17 -7.56 -14.41
N GLY A 235 0.88 -8.24 -13.94
CA GLY A 235 1.83 -7.59 -13.04
C GLY A 235 1.23 -7.27 -11.67
N ALA A 236 0.26 -8.08 -11.23
CA ALA A 236 -0.39 -7.90 -9.92
C ALA A 236 0.13 -8.91 -8.90
N GLU A 237 -0.07 -8.61 -7.61
CA GLU A 237 0.33 -9.53 -6.55
C GLU A 237 -0.98 -10.16 -6.10
N VAL A 238 -0.90 -11.31 -5.40
CA VAL A 238 -2.11 -12.00 -4.94
C VAL A 238 -2.12 -12.17 -3.42
N VAL A 239 -3.27 -11.90 -2.81
CA VAL A 239 -3.40 -12.14 -1.37
C VAL A 239 -4.66 -12.95 -1.21
N VAL A 240 -4.57 -14.04 -0.45
CA VAL A 240 -5.75 -14.89 -0.25
C VAL A 240 -6.35 -14.64 1.11
N VAL A 241 -7.65 -14.34 1.15
CA VAL A 241 -8.35 -14.09 2.41
C VAL A 241 -9.74 -14.69 2.39
N SER A 242 -10.31 -14.89 3.58
CA SER A 242 -11.72 -15.28 3.66
C SER A 242 -12.35 -14.04 4.30
N ALA A 243 -13.11 -13.27 3.53
CA ALA A 243 -13.76 -12.05 4.04
C ALA A 243 -14.65 -12.39 5.22
N ARG A 244 -15.40 -13.47 5.11
CA ARG A 244 -16.28 -13.83 6.21
C ARG A 244 -15.48 -14.09 7.49
N LEU A 245 -14.39 -14.83 7.37
CA LEU A 245 -13.57 -15.12 8.55
C LEU A 245 -13.01 -13.83 9.13
N GLU A 246 -12.55 -12.92 8.26
CA GLU A 246 -12.01 -11.68 8.78
C GLU A 246 -13.05 -10.88 9.54
N ALA A 247 -14.27 -10.84 9.04
CA ALA A 247 -15.32 -10.09 9.73
C ALA A 247 -15.58 -10.71 11.11
N GLU A 248 -15.57 -12.05 11.18
CA GLU A 248 -15.80 -12.73 12.46
C GLU A 248 -14.67 -12.46 13.44
N LEU A 249 -13.43 -12.58 12.98
CA LEU A 249 -12.28 -12.32 13.84
C LEU A 249 -12.20 -10.86 14.36
N ALA A 250 -12.59 -9.91 13.52
CA ALA A 250 -12.53 -8.49 13.86
C ALA A 250 -13.47 -8.13 15.00
N GLU A 251 -14.44 -8.98 15.27
CA GLU A 251 -15.39 -8.74 16.37
C GLU A 251 -14.75 -9.09 17.71
N LEU A 252 -13.70 -9.91 17.68
CA LEU A 252 -13.02 -10.34 18.90
C LEU A 252 -11.85 -9.47 19.29
N SER A 253 -11.37 -9.65 20.51
CA SER A 253 -10.20 -8.91 20.95
C SER A 253 -9.04 -9.48 20.11
N GLY A 254 -7.97 -8.71 19.96
CA GLY A 254 -6.85 -9.19 19.17
C GLY A 254 -6.23 -10.47 19.72
N GLU A 255 -6.18 -10.56 21.05
CA GLU A 255 -5.61 -11.72 21.72
C GLU A 255 -6.42 -12.97 21.42
N GLU A 256 -7.73 -12.90 21.63
CA GLU A 256 -8.60 -14.06 21.36
C GLU A 256 -8.61 -14.44 19.89
N ALA A 257 -8.65 -13.44 19.00
CA ALA A 257 -8.61 -13.71 17.57
C ALA A 257 -7.31 -14.47 17.20
N ARG A 258 -6.19 -14.04 17.74
CA ARG A 258 -4.93 -14.72 17.44
C ARG A 258 -4.94 -16.16 17.92
N GLU A 259 -5.43 -16.39 19.14
CA GLU A 259 -5.46 -17.75 19.68
C GLU A 259 -6.35 -18.65 18.83
N LEU A 260 -7.52 -18.16 18.44
CA LEU A 260 -8.43 -19.00 17.64
C LEU A 260 -7.87 -19.23 16.24
N LEU A 261 -7.13 -18.26 15.72
CA LEU A 261 -6.54 -18.40 14.39
C LEU A 261 -5.46 -19.47 14.47
N ALA A 262 -4.64 -19.40 15.51
CA ALA A 262 -3.55 -20.37 15.67
C ALA A 262 -4.13 -21.76 15.85
N ALA A 263 -5.30 -21.85 16.48
CA ALA A 263 -5.91 -23.16 16.65
C ALA A 263 -6.29 -23.72 15.28
N TYR A 264 -6.53 -22.83 14.33
CA TYR A 264 -6.91 -23.27 12.98
C TYR A 264 -5.68 -23.40 12.10
N GLY A 265 -4.50 -23.32 12.70
CA GLY A 265 -3.25 -23.45 11.97
C GLY A 265 -2.86 -22.28 11.09
N LEU A 266 -3.44 -21.11 11.36
CA LEU A 266 -3.14 -19.89 10.59
C LEU A 266 -2.42 -18.93 11.54
N GLN A 267 -1.37 -18.29 11.04
CA GLN A 267 -0.56 -17.40 11.88
C GLN A 267 -0.76 -15.89 11.78
N GLU A 268 -1.46 -15.41 10.76
CA GLU A 268 -1.66 -13.97 10.58
C GLU A 268 -3.04 -13.75 9.96
N SER A 269 -3.79 -12.74 10.41
CA SER A 269 -5.11 -12.51 9.84
C SER A 269 -5.02 -12.08 8.39
N GLY A 270 -6.15 -12.19 7.70
CA GLY A 270 -6.18 -11.79 6.31
C GLY A 270 -6.05 -10.29 6.22
N LEU A 271 -6.57 -9.57 7.21
CA LEU A 271 -6.45 -8.12 7.17
C LEU A 271 -5.01 -7.71 7.32
N GLN A 272 -4.26 -8.41 8.18
CA GLN A 272 -2.85 -8.04 8.32
C GLN A 272 -2.09 -8.36 7.03
N ARG A 273 -2.38 -9.52 6.44
CA ARG A 273 -1.72 -9.90 5.19
C ARG A 273 -2.03 -8.87 4.12
N LEU A 274 -3.28 -8.41 4.08
CA LEU A 274 -3.69 -7.41 3.08
C LEU A 274 -2.99 -6.07 3.36
N ALA A 275 -2.90 -5.71 4.63
CA ALA A 275 -2.22 -4.47 4.98
C ALA A 275 -0.75 -4.51 4.54
N ARG A 276 -0.10 -5.66 4.76
N ARG A 276 -0.09 -5.64 4.76
CA ARG A 276 1.30 -5.82 4.38
CA ARG A 276 1.30 -5.73 4.35
C ARG A 276 1.46 -5.81 2.86
C ARG A 276 1.40 -5.69 2.83
N ALA A 277 0.47 -6.36 2.15
CA ALA A 277 0.52 -6.36 0.69
C ALA A 277 0.30 -4.92 0.20
N GLY A 278 -0.56 -4.18 0.90
CA GLY A 278 -0.79 -2.79 0.53
C GLY A 278 0.45 -1.95 0.79
N TYR A 279 1.12 -2.22 1.90
CA TYR A 279 2.33 -1.49 2.26
C TYR A 279 3.34 -1.65 1.12
N ARG A 280 3.48 -2.89 0.64
CA ARG A 280 4.42 -3.16 -0.46
C ARG A 280 3.98 -2.49 -1.76
N ALA A 281 2.69 -2.54 -2.05
CA ALA A 281 2.17 -1.95 -3.28
C ALA A 281 2.41 -0.46 -3.30
N LEU A 282 2.27 0.18 -2.15
CA LEU A 282 2.47 1.63 -2.05
C LEU A 282 3.96 1.99 -1.92
N ASP A 283 4.82 0.96 -1.96
CA ASP A 283 6.29 1.11 -1.86
C ASP A 283 6.69 1.86 -0.59
N LEU A 284 6.15 1.42 0.54
CA LEU A 284 6.43 2.10 1.80
C LEU A 284 7.40 1.37 2.69
N LEU A 285 7.95 2.11 3.66
CA LEU A 285 8.86 1.52 4.64
C LEU A 285 8.56 2.15 5.99
N THR A 286 8.92 1.43 7.05
CA THR A 286 8.68 1.86 8.41
C THR A 286 9.99 2.31 9.07
N PHE A 287 9.96 3.45 9.78
CA PHE A 287 11.13 3.84 10.58
C PHE A 287 10.55 4.08 11.98
N PHE A 288 11.39 4.03 13.01
CA PHE A 288 10.90 4.18 14.37
C PHE A 288 11.52 5.32 15.16
N THR A 289 10.81 5.78 16.18
CA THR A 289 11.38 6.72 17.14
C THR A 289 11.24 5.87 18.41
N ALA A 290 12.28 5.83 19.23
CA ALA A 290 12.22 4.97 20.41
C ALA A 290 12.98 5.55 21.59
N GLY A 291 12.35 5.44 22.76
CA GLY A 291 12.93 5.94 23.99
C GLY A 291 12.06 5.54 25.16
N GLU A 292 12.45 5.96 26.35
CA GLU A 292 11.70 5.59 27.55
C GLU A 292 10.25 6.07 27.55
N LYS A 293 9.98 7.17 26.86
CA LYS A 293 8.61 7.67 26.86
C LYS A 293 7.68 7.05 25.83
N GLU A 294 8.22 6.56 24.73
CA GLU A 294 7.37 6.00 23.69
C GLU A 294 8.18 5.33 22.60
N VAL A 295 7.57 4.35 21.93
CA VAL A 295 8.23 3.68 20.79
C VAL A 295 7.14 3.79 19.73
N ARG A 296 7.46 4.38 18.60
CA ARG A 296 6.44 4.58 17.55
C ARG A 296 6.98 4.26 16.18
N ALA A 297 6.09 3.72 15.35
CA ALA A 297 6.41 3.36 13.97
C ALA A 297 5.87 4.47 13.09
N TRP A 298 6.69 4.89 12.14
CA TRP A 298 6.34 5.94 11.19
C TRP A 298 6.48 5.38 9.79
N THR A 299 5.71 5.93 8.86
CA THR A 299 5.72 5.45 7.47
C THR A 299 6.07 6.54 6.46
N VAL A 300 6.99 6.21 5.56
CA VAL A 300 7.39 7.10 4.46
C VAL A 300 7.58 6.27 3.22
N ARG A 301 7.51 6.91 2.06
CA ARG A 301 7.72 6.21 0.80
C ARG A 301 9.20 5.86 0.63
N ARG A 302 9.49 4.72 0.04
CA ARG A 302 10.86 4.34 -0.19
C ARG A 302 11.49 5.44 -1.04
N GLY A 303 12.67 5.91 -0.63
CA GLY A 303 13.35 6.97 -1.36
C GLY A 303 13.38 8.26 -0.57
N THR A 304 12.53 8.34 0.45
CA THR A 304 12.43 9.51 1.32
C THR A 304 13.74 9.70 2.11
N LYS A 305 14.25 10.93 2.10
CA LYS A 305 15.50 11.28 2.81
C LYS A 305 15.23 11.64 4.26
N ALA A 306 16.31 11.69 5.04
CA ALA A 306 16.21 11.99 6.47
C ALA A 306 15.40 13.24 6.81
N PRO A 307 15.62 14.36 6.08
CA PRO A 307 14.87 15.59 6.37
C PRO A 307 13.36 15.44 6.23
N ARG A 308 12.92 14.82 5.13
CA ARG A 308 11.48 14.64 4.94
C ARG A 308 10.98 13.66 5.98
N ALA A 309 11.77 12.66 6.29
CA ALA A 309 11.38 11.69 7.31
C ALA A 309 11.15 12.44 8.62
N ALA A 310 12.10 13.30 8.98
CA ALA A 310 12.01 14.10 10.20
C ALA A 310 10.75 14.94 10.20
N GLY A 311 10.39 15.43 9.01
CA GLY A 311 9.18 16.24 8.88
C GLY A 311 7.93 15.49 9.27
N GLU A 312 7.94 14.17 9.13
CA GLU A 312 6.79 13.36 9.53
C GLU A 312 6.60 13.42 11.04
N ILE A 313 7.70 13.40 11.78
CA ILE A 313 7.65 13.46 13.25
C ILE A 313 7.21 14.85 13.69
N HIS A 314 7.91 15.86 13.19
CA HIS A 314 7.62 17.26 13.50
C HIS A 314 7.89 18.10 12.25
N SER A 315 6.86 18.76 11.74
CA SER A 315 6.98 19.59 10.53
C SER A 315 8.27 20.40 10.50
N ASP A 316 8.50 21.15 11.57
CA ASP A 316 9.69 21.99 11.72
C ASP A 316 10.99 21.28 11.33
N GLU A 318 12.02 19.28 9.39
CA GLU A 318 12.43 19.13 8.01
C GLU A 318 13.33 20.28 7.57
N ARG A 319 12.88 21.51 7.78
CA ARG A 319 13.69 22.68 7.44
C ARG A 319 14.77 22.86 8.49
N GLY A 320 14.39 22.73 9.77
CA GLY A 320 15.36 22.86 10.86
C GLY A 320 16.28 21.65 10.98
N PHE A 321 16.16 20.72 10.04
CA PHE A 321 16.98 19.50 10.03
C PHE A 321 18.43 19.84 9.77
N ILE A 322 19.30 19.39 10.67
CA ILE A 322 20.73 19.60 10.50
C ILE A 322 21.34 18.23 10.26
N ARG A 323 20.99 17.28 11.12
CA ARG A 323 21.46 15.89 11.04
C ARG A 323 20.63 15.02 11.99
N ALA A 324 20.79 13.71 11.88
CA ALA A 324 20.04 12.80 12.76
C ALA A 324 20.81 11.54 13.12
N GLU A 325 20.60 11.03 14.32
CA GLU A 325 21.24 9.81 14.76
C GLU A 325 20.37 8.72 14.15
N VAL A 326 21.01 7.70 13.57
CA VAL A 326 20.30 6.61 12.92
C VAL A 326 20.96 5.28 13.26
N ILE A 327 20.14 4.28 13.53
CA ILE A 327 20.65 2.96 13.84
C ILE A 327 19.53 1.95 13.58
N PRO A 328 19.87 0.81 12.96
CA PRO A 328 18.91 -0.26 12.66
C PRO A 328 18.29 -0.70 13.98
N TRP A 329 16.99 -0.95 14.00
CA TRP A 329 16.33 -1.30 15.24
C TRP A 329 16.97 -2.50 15.93
N ASP A 330 17.43 -3.47 15.14
CA ASP A 330 18.00 -4.68 15.71
C ASP A 330 19.31 -4.40 16.43
N LYS A 331 20.05 -3.41 15.95
CA LYS A 331 21.33 -3.06 16.57
C LYS A 331 21.06 -2.24 17.82
N LEU A 332 19.98 -1.46 17.84
CA LEU A 332 19.67 -0.70 19.05
C LEU A 332 19.26 -1.72 20.12
N VAL A 333 18.48 -2.72 19.71
CA VAL A 333 18.05 -3.75 20.65
C VAL A 333 19.27 -4.56 21.13
N GLU A 334 20.13 -4.94 20.21
CA GLU A 334 21.30 -5.74 20.57
C GLU A 334 22.20 -4.97 21.54
N ALA A 335 22.35 -3.66 21.33
CA ALA A 335 23.18 -2.85 22.22
C ALA A 335 22.55 -2.65 23.60
N GLY A 336 21.23 -2.49 23.65
CA GLY A 336 20.54 -2.31 24.91
C GLY A 336 20.09 -0.90 25.23
N GLY A 337 20.23 0.00 24.26
CA GLY A 337 19.81 1.38 24.49
C GLY A 337 20.64 2.32 23.64
N TRP A 338 20.31 3.62 23.71
CA TRP A 338 21.01 4.62 22.93
C TRP A 338 22.42 4.86 23.45
N ALA A 339 22.54 5.04 24.76
CA ALA A 339 23.84 5.30 25.37
C ALA A 339 24.77 4.12 25.08
N ARG A 340 24.24 2.90 25.23
CA ARG A 340 25.01 1.70 24.97
C ARG A 340 25.37 1.52 23.50
N ALA A 341 24.45 1.86 22.59
CA ALA A 341 24.70 1.73 21.16
C ALA A 341 25.78 2.72 20.70
N LYS A 342 25.77 3.90 21.30
CA LYS A 342 26.76 4.92 20.98
C LYS A 342 28.14 4.39 21.37
N GLU A 343 28.25 3.90 22.60
CA GLU A 343 29.51 3.36 23.12
C GLU A 343 30.02 2.26 22.21
N ARG A 344 29.10 1.49 21.64
CA ARG A 344 29.46 0.40 20.74
C ARG A 344 29.79 0.97 19.35
N GLY A 345 29.53 2.26 19.16
CA GLY A 345 29.81 2.85 17.86
C GLY A 345 28.85 2.38 16.78
N TRP A 346 27.59 2.14 17.17
CA TRP A 346 26.59 1.67 16.22
C TRP A 346 25.61 2.77 15.80
N VAL A 347 25.69 3.92 16.46
CA VAL A 347 24.80 5.02 16.14
C VAL A 347 25.44 5.94 15.13
N ARG A 348 24.78 6.11 13.98
CA ARG A 348 25.29 6.97 12.92
C ARG A 348 24.68 8.36 12.90
N LEU A 349 25.46 9.32 12.42
CA LEU A 349 24.97 10.68 12.30
C LEU A 349 24.82 10.82 10.79
N GLU A 350 23.58 10.93 10.33
CA GLU A 350 23.29 11.04 8.90
C GLU A 350 22.80 12.43 8.54
N GLY A 351 23.11 12.84 7.31
CA GLY A 351 22.72 14.16 6.85
C GLY A 351 21.48 14.18 5.99
N LYS A 352 21.30 15.30 5.28
CA LYS A 352 20.14 15.52 4.41
C LYS A 352 20.07 14.63 3.16
N ASP A 353 21.16 13.96 2.83
CA ASP A 353 21.25 13.10 1.66
C ASP A 353 20.92 11.63 1.95
N TYR A 354 20.79 11.29 3.23
CA TYR A 354 20.53 9.92 3.64
C TYR A 354 19.12 9.42 3.33
N GLU A 355 19.04 8.30 2.60
CA GLU A 355 17.74 7.70 2.30
C GLU A 355 17.42 6.73 3.44
N VAL A 356 16.28 6.95 4.09
CA VAL A 356 15.87 6.11 5.21
C VAL A 356 15.66 4.66 4.78
N GLN A 357 16.04 3.74 5.65
CA GLN A 357 15.89 2.33 5.34
C GLN A 357 14.86 1.73 6.27
N ASP A 358 14.14 0.72 5.82
CA ASP A 358 13.15 0.10 6.66
C ASP A 358 13.83 -0.40 7.94
N GLY A 359 13.19 -0.15 9.08
CA GLY A 359 13.72 -0.57 10.37
C GLY A 359 14.64 0.41 11.06
N ASP A 360 14.96 1.50 10.39
CA ASP A 360 15.83 2.52 10.99
C ASP A 360 15.16 3.16 12.20
N VAL A 361 15.94 3.43 13.25
CA VAL A 361 15.41 4.13 14.41
C VAL A 361 16.12 5.48 14.29
N ILE A 362 15.36 6.57 14.39
CA ILE A 362 15.91 7.92 14.21
C ILE A 362 15.66 8.89 15.37
N TYR A 363 16.66 9.71 15.66
CA TYR A 363 16.51 10.76 16.67
C TYR A 363 17.07 12.02 15.98
N VAL A 364 16.21 12.98 15.71
CA VAL A 364 16.61 14.20 15.00
C VAL A 364 17.27 15.26 15.86
N LEU A 365 18.41 15.75 15.39
CA LEU A 365 19.16 16.78 16.08
C LEU A 365 18.72 18.15 15.54
N PHE A 366 17.99 18.89 16.37
CA PHE A 366 17.43 20.19 16.03
C PHE A 366 16.24 20.06 15.08
#